data_4UWJ
#
_entry.id   4UWJ
#
_cell.length_a   51.013
_cell.length_b   58.608
_cell.length_c   152.366
_cell.angle_alpha   90.00
_cell.angle_beta   90.00
_cell.angle_gamma   90.00
#
_symmetry.space_group_name_H-M   'P 21 21 21'
#
loop_
_entity.id
_entity.type
_entity.pdbx_description
1 polymer 'GLYCYLPEPTIDE N-TETRADECANOYLTRANSFERASE'
2 non-polymer 2,6-dichloro-N-(difluoromethyl)-4-[3-(piperidin-4-yl)propyl]-N-(1,3,5-trimethyl-1H-pyrazol-4-yl)benzenesulfonamide
3 non-polymer TETRADECANOYL-COA
4 water water
#
_entity_poly.entity_id   1
_entity_poly.type   'polypeptide(L)'
_entity_poly.pdbx_seq_one_letter_code
;QTQPVPRFDETSTDTGGPIKIIDPEKVSKEPDALLEGFEWATLDLTNETELQELWDLLTYHYVEDDNAMFRFRYSQSFLH
WALMSPGWKKEWHVGVRATKSRKLVASICGVPTEINVRNQKLKVVEINFLCIHKKLRSKRLTPVLIKEITRRCYLNGIYQ
AIYTAGVVLPTPVSSCRYYHRPLDWLKLYEVGFSPLPAGSTKARQITKNHLPSTTSTPGLRPMEPKDIDTVHDLLQRYLS
RFALNQAFTREEVDHWLVHKPETVKEQVVWAYVVEDPETHKITDFFSFYNLESTVIQNPKHDNVRAAYLYYYATETAFTN
NMKALKERLLMLMNDALILAKKAHFDVFNALTLHDNPLFLEQLKFGAGDGQLHFYLYNYRTAPVPGGVNEKNLPDEKRMG
GVGIVML
;
_entity_poly.pdbx_strand_id   A
#
loop_
_chem_comp.id
_chem_comp.type
_chem_comp.name
_chem_comp.formula
7L5 non-polymer 2,6-dichloro-N-(difluoromethyl)-4-[3-(piperidin-4-yl)propyl]-N-(1,3,5-trimethyl-1H-pyrazol-4-yl)benzenesulfonamide 'C21 H28 Cl2 F2 N4 O2 S'
MYA non-polymer TETRADECANOYL-COA 'C35 H62 N7 O17 P3 S'
#
# COMPACT_ATOMS: atom_id res chain seq x y z
N GLY A 16 7.28 24.79 1.15
CA GLY A 16 5.87 24.25 1.19
C GLY A 16 5.30 24.59 2.56
N GLY A 17 4.07 24.21 2.82
CA GLY A 17 3.50 24.45 4.16
C GLY A 17 1.99 24.30 4.14
N PRO A 18 1.36 24.49 5.30
CA PRO A 18 -0.10 24.28 5.38
C PRO A 18 -0.86 25.33 4.59
N ILE A 19 -2.05 24.99 4.06
CA ILE A 19 -2.79 25.95 3.23
C ILE A 19 -3.54 26.90 4.16
N LYS A 20 -4.17 26.36 5.21
CA LYS A 20 -4.97 27.17 6.15
C LYS A 20 -4.83 26.64 7.55
N ILE A 21 -5.04 27.52 8.56
CA ILE A 21 -4.96 27.13 9.93
C ILE A 21 -6.36 26.83 10.41
N ILE A 22 -6.57 25.71 11.09
CA ILE A 22 -7.93 25.43 11.57
C ILE A 22 -8.14 26.04 12.96
N ASP A 23 -9.29 26.69 13.13
CA ASP A 23 -9.64 27.30 14.42
C ASP A 23 -10.33 26.20 15.26
N PRO A 24 -9.64 25.69 16.29
CA PRO A 24 -10.18 24.59 17.09
C PRO A 24 -11.48 24.98 17.77
N GLU A 25 -11.59 26.27 18.09
CA GLU A 25 -12.81 26.84 18.63
C GLU A 25 -14.08 26.70 17.78
N LYS A 26 -13.93 26.59 16.46
CA LYS A 26 -15.05 26.57 15.56
C LYS A 26 -15.32 25.20 14.94
N VAL A 27 -14.60 24.14 15.37
CA VAL A 27 -14.89 22.79 14.82
C VAL A 27 -16.23 22.27 15.42
N SER A 28 -17.15 21.92 14.55
CA SER A 28 -18.48 21.50 14.96
C SER A 28 -18.44 20.27 15.81
N LYS A 29 -19.20 20.28 16.89
CA LYS A 29 -19.33 19.06 17.69
C LYS A 29 -20.27 18.05 17.10
N GLU A 30 -21.08 18.46 16.14
CA GLU A 30 -22.08 17.59 15.50
C GLU A 30 -21.80 17.41 14.00
N PRO A 31 -22.06 16.17 13.48
CA PRO A 31 -21.94 15.93 12.04
C PRO A 31 -23.08 16.58 11.24
N ASP A 32 -22.85 16.73 9.94
CA ASP A 32 -23.84 17.22 9.01
C ASP A 32 -24.86 16.12 8.81
N ALA A 33 -25.99 16.53 8.24
CA ALA A 33 -27.07 15.62 7.87
C ALA A 33 -26.70 14.69 6.66
N LEU A 34 -27.40 13.57 6.59
CA LEU A 34 -27.15 12.52 5.60
C LEU A 34 -28.43 12.33 4.80
N LEU A 35 -28.28 11.80 3.59
CA LEU A 35 -29.43 11.30 2.86
C LEU A 35 -30.46 10.64 3.76
N GLU A 36 -31.75 10.97 3.50
CA GLU A 36 -32.85 10.35 4.23
C GLU A 36 -32.73 8.84 4.30
N GLY A 37 -32.88 8.32 5.52
CA GLY A 37 -32.89 6.88 5.74
C GLY A 37 -31.54 6.33 6.15
N PHE A 38 -30.54 7.22 6.25
CA PHE A 38 -29.18 6.78 6.62
C PHE A 38 -28.67 7.50 7.83
N GLU A 39 -27.75 6.88 8.53
CA GLU A 39 -27.18 7.56 9.70
C GLU A 39 -25.69 7.30 9.83
N TRP A 40 -25.01 8.24 10.52
CA TRP A 40 -23.59 8.01 10.87
C TRP A 40 -23.41 6.87 11.87
N ALA A 41 -22.37 6.06 11.70
CA ALA A 41 -21.98 5.05 12.70
C ALA A 41 -20.47 4.94 12.81
N THR A 42 -19.94 5.16 13.99
CA THR A 42 -18.55 4.78 14.26
C THR A 42 -18.40 3.26 14.30
N LEU A 43 -17.38 2.75 13.62
CA LEU A 43 -17.10 1.29 13.60
C LEU A 43 -16.14 0.94 14.69
N ASP A 44 -16.40 -0.21 15.33
CA ASP A 44 -15.51 -0.82 16.26
C ASP A 44 -14.91 -2.10 15.69
N LEU A 45 -13.75 -1.96 15.06
CA LEU A 45 -13.13 -3.11 14.37
C LEU A 45 -12.53 -4.19 15.29
N THR A 46 -12.48 -3.93 16.61
CA THR A 46 -12.14 -5.01 17.59
C THR A 46 -13.32 -5.98 17.83
N ASN A 47 -14.50 -5.57 17.41
CA ASN A 47 -15.72 -6.42 17.30
C ASN A 47 -15.73 -7.18 16.00
N GLU A 48 -15.74 -8.51 16.12
CA GLU A 48 -15.65 -9.35 14.94
C GLU A 48 -16.79 -9.12 13.99
N THR A 49 -18.00 -8.98 14.53
CA THR A 49 -19.19 -8.71 13.71
C THR A 49 -19.02 -7.44 12.83
N GLU A 50 -18.43 -6.38 13.41
CA GLU A 50 -18.28 -5.12 12.71
C GLU A 50 -17.12 -5.22 11.70
N LEU A 51 -16.03 -5.93 12.04
CA LEU A 51 -14.97 -6.21 11.03
C LEU A 51 -15.53 -6.98 9.84
N GLN A 52 -16.34 -7.97 10.13
CA GLN A 52 -17.05 -8.74 9.11
C GLN A 52 -17.93 -7.85 8.22
N GLU A 53 -18.65 -6.91 8.86
CA GLU A 53 -19.53 -6.06 8.08
C GLU A 53 -18.73 -5.15 7.15
N LEU A 54 -17.60 -4.58 7.60
CA LEU A 54 -16.74 -3.77 6.73
C LEU A 54 -16.22 -4.65 5.61
N TRP A 55 -15.78 -5.86 5.97
CA TRP A 55 -15.25 -6.82 4.92
C TRP A 55 -16.37 -7.15 3.87
N ASP A 56 -17.61 -7.33 4.31
CA ASP A 56 -18.71 -7.61 3.39
C ASP A 56 -18.93 -6.42 2.43
N LEU A 57 -18.84 -5.21 2.96
CA LEU A 57 -18.96 -4.02 2.08
C LEU A 57 -17.84 -3.97 1.05
N LEU A 58 -16.59 -3.98 1.50
CA LEU A 58 -15.47 -3.86 0.56
C LEU A 58 -15.40 -5.01 -0.43
N THR A 59 -15.77 -6.20 0.02
CA THR A 59 -15.57 -7.36 -0.86
C THR A 59 -16.46 -7.28 -2.08
N TYR A 60 -17.64 -6.67 -1.92
CA TYR A 60 -18.52 -6.57 -3.06
C TYR A 60 -18.59 -5.19 -3.71
N HIS A 61 -18.01 -4.17 -3.05
CA HIS A 61 -18.13 -2.78 -3.52
C HIS A 61 -16.87 -1.98 -3.64
N TYR A 62 -15.73 -2.57 -3.37
CA TYR A 62 -14.48 -1.73 -3.42
C TYR A 62 -13.88 -1.67 -4.84
N VAL A 63 -12.59 -1.29 -4.92
CA VAL A 63 -12.01 -0.91 -6.22
C VAL A 63 -11.95 -2.07 -7.23
N GLU A 64 -12.46 -1.79 -8.44
CA GLU A 64 -12.40 -2.68 -9.64
C GLU A 64 -11.44 -2.14 -10.66
N ASP A 65 -11.02 -3.00 -11.59
CA ASP A 65 -10.39 -2.50 -12.78
C ASP A 65 -11.42 -1.96 -13.79
N ASP A 66 -10.90 -1.34 -14.82
CA ASP A 66 -11.72 -0.69 -15.88
C ASP A 66 -12.55 -1.69 -16.70
N ASN A 67 -12.10 -2.94 -16.71
CA ASN A 67 -12.84 -4.05 -17.40
C ASN A 67 -13.76 -4.91 -16.54
N ALA A 68 -13.88 -4.54 -15.26
CA ALA A 68 -14.75 -5.23 -14.34
C ALA A 68 -14.42 -6.73 -14.36
N MET A 69 -13.13 -7.01 -14.33
CA MET A 69 -12.62 -8.37 -14.23
C MET A 69 -12.20 -8.75 -12.85
N PHE A 70 -11.80 -7.73 -12.07
CA PHE A 70 -11.13 -7.95 -10.81
C PHE A 70 -11.66 -6.98 -9.78
N ARG A 71 -11.68 -7.42 -8.53
CA ARG A 71 -11.99 -6.46 -7.43
C ARG A 71 -11.07 -6.72 -6.22
N PHE A 72 -10.49 -5.68 -5.62
CA PHE A 72 -9.62 -5.95 -4.47
C PHE A 72 -10.41 -6.70 -3.42
N ARG A 73 -9.74 -7.68 -2.80
CA ARG A 73 -10.33 -8.44 -1.74
C ARG A 73 -9.45 -8.37 -0.54
N TYR A 74 -9.45 -7.23 0.12
CA TYR A 74 -8.70 -7.13 1.40
C TYR A 74 -9.23 -8.15 2.41
N SER A 75 -8.35 -8.91 3.08
CA SER A 75 -8.84 -9.92 4.01
C SER A 75 -9.22 -9.27 5.32
N GLN A 76 -10.00 -9.96 6.15
CA GLN A 76 -10.22 -9.44 7.54
C GLN A 76 -8.89 -9.22 8.29
N SER A 77 -7.96 -10.18 8.18
CA SER A 77 -6.66 -10.00 8.78
C SER A 77 -5.92 -8.70 8.29
N PHE A 78 -5.96 -8.43 6.98
CA PHE A 78 -5.36 -7.26 6.43
C PHE A 78 -6.06 -6.01 6.98
N LEU A 79 -7.37 -6.07 7.04
CA LEU A 79 -8.12 -4.90 7.59
C LEU A 79 -7.79 -4.57 9.05
N HIS A 80 -7.64 -5.62 9.88
CA HIS A 80 -7.28 -5.51 11.27
C HIS A 80 -5.88 -4.84 11.33
N TRP A 81 -5.00 -5.22 10.41
CA TRP A 81 -3.61 -4.74 10.40
C TRP A 81 -3.54 -3.32 9.89
N ALA A 82 -4.33 -3.01 8.86
CA ALA A 82 -4.16 -1.72 8.19
C ALA A 82 -4.80 -0.60 9.02
N LEU A 83 -5.81 -1.00 9.81
CA LEU A 83 -6.66 -0.03 10.52
C LEU A 83 -6.46 0.12 12.01
N MET A 84 -5.73 -0.79 12.67
CA MET A 84 -5.52 -0.65 14.12
C MET A 84 -3.99 -0.60 14.37
N SER A 85 -3.36 0.31 13.62
CA SER A 85 -1.92 0.54 13.65
C SER A 85 -1.61 1.49 14.80
N PRO A 86 -0.32 1.71 15.14
CA PRO A 86 -0.04 2.48 16.31
C PRO A 86 -0.72 3.86 16.31
N GLY A 87 -1.40 4.16 17.40
CA GLY A 87 -2.08 5.45 17.52
C GLY A 87 -3.53 5.49 17.07
N TRP A 88 -4.04 4.41 16.51
CA TRP A 88 -5.35 4.42 15.89
C TRP A 88 -6.46 4.76 16.88
N LYS A 89 -7.48 5.40 16.33
CA LYS A 89 -8.70 5.74 17.09
C LYS A 89 -9.92 5.22 16.39
N LYS A 90 -10.85 4.56 17.11
CA LYS A 90 -12.08 4.10 16.45
C LYS A 90 -12.83 5.27 15.83
N GLU A 91 -12.74 6.50 16.40
CA GLU A 91 -13.44 7.68 15.82
C GLU A 91 -13.09 7.91 14.38
N TRP A 92 -11.95 7.36 13.91
CA TRP A 92 -11.61 7.58 12.52
C TRP A 92 -11.98 6.39 11.64
N HIS A 93 -12.79 5.46 12.15
CA HIS A 93 -13.30 4.35 11.30
C HIS A 93 -14.79 4.66 11.14
N VAL A 94 -15.11 5.35 10.05
CA VAL A 94 -16.44 5.97 9.88
C VAL A 94 -17.32 5.14 8.96
N GLY A 95 -18.49 4.79 9.47
CA GLY A 95 -19.45 4.13 8.59
C GLY A 95 -20.73 4.90 8.42
N VAL A 96 -21.52 4.52 7.41
CA VAL A 96 -22.90 5.01 7.28
C VAL A 96 -23.75 3.77 7.31
N ARG A 97 -24.82 3.79 8.13
CA ARG A 97 -25.80 2.68 8.11
C ARG A 97 -27.17 3.07 7.67
N ALA A 98 -27.87 2.10 7.06
CA ALA A 98 -29.32 2.24 6.87
C ALA A 98 -30.09 2.21 8.19
N THR A 99 -30.93 3.21 8.44
CA THR A 99 -31.55 3.39 9.72
C THR A 99 -32.41 2.14 9.99
N LYS A 100 -33.08 1.66 8.94
CA LYS A 100 -34.05 0.54 9.15
C LYS A 100 -33.40 -0.83 9.27
N SER A 101 -32.71 -1.32 8.24
CA SER A 101 -32.01 -2.59 8.28
C SER A 101 -30.71 -2.66 9.12
N ARG A 102 -30.17 -1.50 9.45
CA ARG A 102 -28.87 -1.36 10.12
C ARG A 102 -27.69 -1.71 9.21
N LYS A 103 -27.91 -1.99 7.93
CA LYS A 103 -26.83 -2.40 7.04
C LYS A 103 -25.78 -1.31 6.91
N LEU A 104 -24.52 -1.71 6.95
CA LEU A 104 -23.43 -0.81 6.61
C LEU A 104 -23.42 -0.61 5.11
N VAL A 105 -23.45 0.65 4.68
CA VAL A 105 -23.54 0.96 3.24
C VAL A 105 -22.47 1.89 2.73
N ALA A 106 -21.68 2.50 3.62
CA ALA A 106 -20.55 3.31 3.13
C ALA A 106 -19.49 3.37 4.26
N SER A 107 -18.22 3.61 3.86
CA SER A 107 -17.13 3.69 4.79
C SER A 107 -16.09 4.68 4.35
N ILE A 108 -15.39 5.24 5.32
CA ILE A 108 -14.13 6.04 5.04
C ILE A 108 -13.26 6.00 6.31
N CYS A 109 -11.99 5.63 6.21
CA CYS A 109 -11.20 5.31 7.42
C CYS A 109 -9.89 6.07 7.46
N GLY A 110 -9.37 6.35 8.65
CA GLY A 110 -8.01 6.87 8.73
C GLY A 110 -7.20 6.28 9.85
N VAL A 111 -5.87 6.39 9.74
CA VAL A 111 -4.96 5.99 10.87
C VAL A 111 -3.90 7.05 10.90
N PRO A 112 -3.34 7.32 12.06
CA PRO A 112 -2.41 8.44 12.08
C PRO A 112 -0.97 7.99 11.77
N THR A 113 -0.17 8.91 11.24
CA THR A 113 1.29 8.70 11.16
C THR A 113 1.97 10.02 10.99
N GLU A 114 3.29 10.05 10.98
CA GLU A 114 4.04 11.31 10.70
C GLU A 114 4.70 11.10 9.39
N ILE A 115 4.69 12.15 8.59
CA ILE A 115 5.43 12.12 7.31
C ILE A 115 6.42 13.28 7.25
N ASN A 116 7.49 13.08 6.47
CA ASN A 116 8.44 14.11 6.10
C ASN A 116 8.09 14.55 4.72
N VAL A 117 7.90 15.87 4.56
CA VAL A 117 7.61 16.47 3.24
C VAL A 117 8.73 17.50 3.05
N ARG A 118 9.72 17.16 2.24
CA ARG A 118 10.92 18.03 2.09
C ARG A 118 11.49 18.51 3.47
N ASN A 119 11.71 17.55 4.36
CA ASN A 119 12.36 17.85 5.68
C ASN A 119 11.55 18.69 6.67
N GLN A 120 10.24 18.77 6.43
CA GLN A 120 9.28 19.24 7.44
C GLN A 120 8.51 18.02 7.84
N LYS A 121 8.52 17.76 9.14
CA LYS A 121 7.82 16.63 9.65
C LYS A 121 6.39 17.07 9.96
N LEU A 122 5.41 16.26 9.59
CA LEU A 122 3.94 16.66 9.72
C LEU A 122 3.17 15.53 10.35
N LYS A 123 2.31 15.82 11.32
CA LYS A 123 1.40 14.82 11.83
C LYS A 123 0.21 14.74 10.90
N VAL A 124 -0.15 13.55 10.42
CA VAL A 124 -1.21 13.42 9.41
C VAL A 124 -2.09 12.20 9.72
N VAL A 125 -3.24 12.12 9.03
CA VAL A 125 -4.03 10.89 8.91
C VAL A 125 -3.78 10.43 7.50
N GLU A 126 -3.63 9.15 7.37
CA GLU A 126 -3.65 8.43 6.07
C GLU A 126 -5.10 7.93 5.90
N ILE A 127 -5.75 8.38 4.82
CA ILE A 127 -7.15 8.08 4.52
C ILE A 127 -7.22 6.97 3.51
N ASN A 128 -8.08 6.00 3.80
CA ASN A 128 -8.16 4.80 2.95
C ASN A 128 -9.53 4.15 3.14
N PHE A 129 -9.86 3.21 2.22
CA PHE A 129 -11.16 2.46 2.33
C PHE A 129 -12.39 3.41 2.31
N LEU A 130 -12.30 4.47 1.52
CA LEU A 130 -13.49 5.18 1.09
C LEU A 130 -14.31 4.24 0.18
N CYS A 131 -15.54 3.96 0.57
CA CYS A 131 -16.34 3.01 -0.26
C CYS A 131 -17.79 3.31 -0.09
N ILE A 132 -18.50 3.29 -1.20
CA ILE A 132 -19.98 3.43 -1.17
C ILE A 132 -20.59 2.27 -1.90
N HIS A 133 -21.64 1.69 -1.29
CA HIS A 133 -22.43 0.64 -1.90
C HIS A 133 -22.84 1.07 -3.31
N LYS A 134 -22.66 0.16 -4.27
CA LYS A 134 -23.06 0.37 -5.66
C LYS A 134 -24.45 1.03 -5.81
N LYS A 135 -25.41 0.63 -4.96
CA LYS A 135 -26.74 1.18 -5.06
C LYS A 135 -26.84 2.64 -4.64
N LEU A 136 -25.87 3.14 -3.88
CA LEU A 136 -25.85 4.56 -3.47
C LEU A 136 -24.84 5.44 -4.24
N ARG A 137 -24.32 4.93 -5.38
CA ARG A 137 -23.34 5.74 -6.17
C ARG A 137 -24.00 6.90 -6.88
N SER A 138 -23.20 7.92 -7.15
CA SER A 138 -23.59 9.13 -7.85
C SER A 138 -24.67 9.88 -7.13
N LYS A 139 -24.57 9.92 -5.80
CA LYS A 139 -25.48 10.71 -5.05
C LYS A 139 -24.75 11.76 -4.22
N ARG A 140 -23.47 12.02 -4.54
CA ARG A 140 -22.66 13.07 -3.88
C ARG A 140 -22.54 12.79 -2.38
N LEU A 141 -22.54 11.51 -2.03
CA LEU A 141 -22.30 11.14 -0.62
C LEU A 141 -20.81 11.27 -0.31
N THR A 142 -19.91 11.05 -1.33
CA THR A 142 -18.45 11.19 -1.08
C THR A 142 -18.04 12.51 -0.37
N PRO A 143 -18.41 13.69 -0.93
CA PRO A 143 -18.02 14.89 -0.25
C PRO A 143 -18.52 14.87 1.23
N VAL A 144 -19.70 14.30 1.47
CA VAL A 144 -20.22 14.30 2.87
C VAL A 144 -19.36 13.38 3.77
N LEU A 145 -18.95 12.22 3.23
CA LEU A 145 -18.07 11.29 3.99
C LEU A 145 -16.74 12.02 4.27
N ILE A 146 -16.22 12.64 3.24
CA ILE A 146 -14.91 13.34 3.39
C ILE A 146 -15.03 14.44 4.47
N LYS A 147 -16.10 15.21 4.40
CA LYS A 147 -16.21 16.36 5.31
C LYS A 147 -16.33 15.80 6.76
N GLU A 148 -16.98 14.66 6.91
CA GLU A 148 -17.17 14.10 8.26
C GLU A 148 -15.88 13.60 8.90
N ILE A 149 -15.08 12.83 8.13
CA ILE A 149 -13.85 12.33 8.67
C ILE A 149 -12.92 13.49 8.88
N THR A 150 -12.99 14.49 8.01
CA THR A 150 -12.16 15.70 8.24
C THR A 150 -12.51 16.35 9.61
N ARG A 151 -13.81 16.42 9.91
CA ARG A 151 -14.28 17.04 11.15
C ARG A 151 -13.80 16.20 12.36
N ARG A 152 -13.87 14.87 12.26
CA ARG A 152 -13.36 14.00 13.33
C ARG A 152 -11.84 14.11 13.59
N CYS A 153 -11.08 14.31 12.51
CA CYS A 153 -9.66 14.53 12.65
C CYS A 153 -9.33 15.90 13.27
N TYR A 154 -10.03 16.95 12.80
CA TYR A 154 -9.87 18.31 13.35
C TYR A 154 -10.13 18.33 14.86
N LEU A 155 -11.16 17.57 15.27
CA LEU A 155 -11.50 17.49 16.71
C LEU A 155 -10.37 16.84 17.52
N ASN A 156 -9.58 15.99 16.86
CA ASN A 156 -8.42 15.37 17.48
C ASN A 156 -7.09 16.13 17.19
N GLY A 157 -7.17 17.33 16.66
CA GLY A 157 -5.92 18.11 16.42
C GLY A 157 -5.05 17.69 15.23
N ILE A 158 -5.66 16.98 14.27
CA ILE A 158 -5.02 16.60 13.07
C ILE A 158 -5.65 17.40 11.93
N TYR A 159 -4.84 18.11 11.15
CA TYR A 159 -5.35 19.03 10.17
C TYR A 159 -4.80 18.83 8.75
N GLN A 160 -3.99 17.77 8.53
CA GLN A 160 -3.43 17.49 7.21
C GLN A 160 -3.70 15.97 6.99
N ALA A 161 -3.74 15.51 5.74
CA ALA A 161 -3.94 14.09 5.42
C ALA A 161 -3.07 13.78 4.19
N ILE A 162 -2.74 12.51 4.05
CA ILE A 162 -2.15 11.97 2.83
C ILE A 162 -3.07 10.85 2.39
N TYR A 163 -3.25 10.72 1.08
CA TYR A 163 -3.99 9.59 0.55
C TYR A 163 -3.52 9.31 -0.86
N THR A 164 -3.93 8.15 -1.32
CA THR A 164 -3.54 7.66 -2.64
C THR A 164 -4.84 7.29 -3.35
N ALA A 165 -4.91 7.42 -4.69
CA ALA A 165 -6.07 6.85 -5.44
C ALA A 165 -5.57 6.49 -6.83
N GLY A 166 -6.29 5.57 -7.47
CA GLY A 166 -5.98 5.20 -8.89
C GLY A 166 -6.65 6.15 -9.87
N VAL A 167 -7.32 7.18 -9.37
CA VAL A 167 -7.95 8.23 -10.21
C VAL A 167 -7.34 9.59 -10.02
N VAL A 168 -7.39 10.42 -11.06
CA VAL A 168 -6.85 11.77 -10.96
C VAL A 168 -7.88 12.68 -10.32
N LEU A 169 -7.46 13.39 -9.29
CA LEU A 169 -8.29 14.34 -8.48
C LEU A 169 -7.42 15.60 -8.41
N PRO A 170 -7.97 16.75 -7.99
CA PRO A 170 -7.22 18.02 -7.82
C PRO A 170 -5.79 17.97 -7.19
N THR A 171 -4.83 18.60 -7.88
CA THR A 171 -3.46 18.79 -7.43
C THR A 171 -2.79 17.49 -6.86
N PRO A 172 -2.58 16.43 -7.72
CA PRO A 172 -1.70 15.37 -7.18
C PRO A 172 -0.29 15.84 -6.85
N VAL A 173 0.36 15.26 -5.81
CA VAL A 173 1.76 15.52 -5.45
C VAL A 173 2.73 14.64 -6.22
N SER A 174 2.24 13.48 -6.64
CA SER A 174 3.08 12.60 -7.50
C SER A 174 2.22 11.57 -8.09
N SER A 175 2.84 10.81 -8.99
CA SER A 175 2.17 9.75 -9.64
C SER A 175 3.25 8.71 -9.92
N CYS A 176 2.86 7.46 -9.73
CA CYS A 176 3.80 6.31 -9.92
C CYS A 176 3.05 5.23 -10.72
N ARG A 177 3.79 4.49 -11.56
CA ARG A 177 3.15 3.48 -12.40
C ARG A 177 3.33 2.05 -11.74
N TYR A 178 2.26 1.26 -11.75
CA TYR A 178 2.29 -0.10 -11.36
C TYR A 178 3.05 -1.02 -12.36
N TYR A 179 3.81 -1.94 -11.79
CA TYR A 179 4.59 -2.98 -12.51
C TYR A 179 4.30 -4.35 -11.92
N HIS A 180 4.40 -5.40 -12.75
CA HIS A 180 3.94 -6.71 -12.35
C HIS A 180 4.83 -7.82 -12.83
N ARG A 181 5.31 -8.61 -11.89
CA ARG A 181 6.23 -9.73 -12.11
C ARG A 181 5.44 -11.02 -11.95
N PRO A 182 5.15 -11.71 -13.08
CA PRO A 182 4.41 -12.97 -12.99
C PRO A 182 5.22 -14.02 -12.21
N LEU A 183 4.55 -14.67 -11.26
CA LEU A 183 5.14 -15.77 -10.49
C LEU A 183 4.56 -17.08 -10.99
N ASP A 184 3.23 -17.13 -11.14
CA ASP A 184 2.54 -18.29 -11.79
C ASP A 184 1.90 -17.76 -13.04
N TRP A 185 2.68 -17.77 -14.12
CA TRP A 185 2.20 -17.16 -15.33
C TRP A 185 0.88 -17.83 -15.82
N LEU A 186 0.82 -19.16 -15.79
CA LEU A 186 -0.38 -19.90 -16.31
C LEU A 186 -1.66 -19.54 -15.57
N LYS A 187 -1.60 -19.35 -14.23
CA LYS A 187 -2.81 -18.90 -13.52
C LYS A 187 -3.20 -17.49 -14.01
N LEU A 188 -2.21 -16.62 -14.17
CA LEU A 188 -2.48 -15.25 -14.60
C LEU A 188 -3.08 -15.18 -15.98
N TYR A 189 -2.54 -15.99 -16.88
CA TYR A 189 -3.13 -16.10 -18.19
C TYR A 189 -4.59 -16.58 -18.11
N GLU A 190 -4.84 -17.62 -17.31
CA GLU A 190 -6.19 -18.23 -17.22
C GLU A 190 -7.26 -17.25 -16.66
N VAL A 191 -6.82 -16.30 -15.85
CA VAL A 191 -7.75 -15.36 -15.22
C VAL A 191 -7.86 -14.08 -16.03
N GLY A 192 -7.17 -14.03 -17.16
CA GLY A 192 -7.23 -12.81 -18.00
C GLY A 192 -6.32 -11.65 -17.59
N PHE A 193 -5.52 -11.81 -16.53
CA PHE A 193 -4.44 -10.87 -16.17
C PHE A 193 -3.31 -10.71 -17.19
N SER A 194 -2.85 -11.85 -17.71
CA SER A 194 -1.70 -11.81 -18.62
C SER A 194 -2.07 -12.38 -19.96
N PRO A 195 -1.64 -11.68 -21.03
CA PRO A 195 -1.79 -12.12 -22.43
C PRO A 195 -0.84 -13.23 -22.87
N LEU A 196 -1.31 -14.03 -23.81
CA LEU A 196 -0.38 -14.89 -24.54
C LEU A 196 0.01 -14.14 -25.82
N PRO A 197 1.23 -13.54 -25.84
CA PRO A 197 1.73 -12.78 -26.97
C PRO A 197 2.56 -13.78 -27.69
N ALA A 198 2.03 -14.49 -28.66
CA ALA A 198 1.16 -13.97 -29.72
C ALA A 198 1.73 -14.77 -30.92
N GLY A 199 3.06 -14.76 -31.09
CA GLY A 199 3.76 -15.84 -31.81
C GLY A 199 4.22 -16.90 -30.80
N SER A 200 3.81 -16.73 -29.55
CA SER A 200 4.35 -17.51 -28.42
C SER A 200 3.52 -18.73 -27.99
N THR A 201 4.04 -19.38 -26.95
CA THR A 201 3.29 -20.45 -26.29
C THR A 201 3.33 -20.33 -24.79
N LYS A 202 2.46 -21.11 -24.14
CA LYS A 202 2.41 -21.21 -22.67
C LYS A 202 3.79 -21.62 -22.16
N ALA A 203 4.37 -22.69 -22.74
CA ALA A 203 5.66 -23.19 -22.24
C ALA A 203 6.73 -22.10 -22.34
N ARG A 204 6.67 -21.27 -23.39
CA ARG A 204 7.63 -20.20 -23.57
C ARG A 204 7.46 -19.07 -22.55
N GLN A 205 6.23 -18.72 -22.21
CA GLN A 205 5.97 -17.64 -21.20
C GLN A 205 6.39 -18.11 -19.83
N ILE A 206 6.16 -19.38 -19.54
CA ILE A 206 6.64 -20.01 -18.27
C ILE A 206 8.14 -19.96 -18.16
N THR A 207 8.83 -20.32 -19.26
CA THR A 207 10.24 -20.20 -19.30
C THR A 207 10.75 -18.79 -19.05
N LYS A 208 10.20 -17.81 -19.75
CA LYS A 208 10.53 -16.38 -19.60
C LYS A 208 10.43 -16.01 -18.11
N ASN A 209 9.41 -16.53 -17.46
CA ASN A 209 9.15 -16.21 -16.02
C ASN A 209 9.84 -17.11 -14.98
N HIS A 210 10.66 -18.06 -15.42
CA HIS A 210 11.17 -19.03 -14.43
C HIS A 210 12.02 -18.32 -13.42
N LEU A 211 11.97 -18.81 -12.20
CA LEU A 211 12.79 -18.33 -11.10
C LEU A 211 13.65 -19.44 -10.52
N PRO A 212 14.86 -19.08 -10.04
CA PRO A 212 15.61 -20.03 -9.24
C PRO A 212 14.82 -20.55 -8.02
N SER A 213 15.11 -21.78 -7.63
CA SER A 213 14.48 -22.50 -6.51
C SER A 213 14.92 -21.98 -5.17
N THR A 214 16.10 -21.34 -5.14
CA THR A 214 16.66 -20.93 -3.85
C THR A 214 17.21 -19.50 -3.95
N THR A 215 17.18 -18.80 -2.81
CA THR A 215 17.66 -17.43 -2.76
C THR A 215 19.20 -17.35 -2.83
N SER A 216 19.73 -16.17 -3.12
CA SER A 216 21.17 -15.96 -3.34
C SER A 216 21.84 -14.97 -2.41
N THR A 217 21.09 -14.10 -1.74
CA THR A 217 21.74 -13.14 -0.85
C THR A 217 22.28 -13.84 0.40
N PRO A 218 23.62 -13.77 0.62
CA PRO A 218 24.11 -14.47 1.81
C PRO A 218 23.56 -13.82 3.11
N GLY A 219 23.22 -14.67 4.08
CA GLY A 219 22.68 -14.16 5.35
C GLY A 219 21.19 -13.91 5.39
N LEU A 220 20.53 -13.97 4.23
CA LEU A 220 19.08 -13.75 4.20
C LEU A 220 18.24 -14.68 5.08
N ARG A 221 17.34 -14.09 5.88
CA ARG A 221 16.45 -14.83 6.75
C ARG A 221 15.22 -13.97 7.05
N PRO A 222 14.13 -14.61 7.53
CA PRO A 222 12.94 -13.93 8.01
C PRO A 222 13.28 -12.96 9.16
N MET A 223 12.67 -11.78 9.10
CA MET A 223 12.82 -10.81 10.15
C MET A 223 12.32 -11.37 11.44
N GLU A 224 13.02 -11.01 12.52
CA GLU A 224 12.69 -11.39 13.88
C GLU A 224 12.43 -10.13 14.76
N PRO A 225 11.69 -10.31 15.88
CA PRO A 225 11.48 -9.14 16.77
C PRO A 225 12.79 -8.50 17.26
N LYS A 226 13.81 -9.34 17.45
CA LYS A 226 15.12 -8.83 17.84
C LYS A 226 15.72 -7.82 16.85
N ASP A 227 15.32 -7.85 15.57
CA ASP A 227 15.85 -7.02 14.51
C ASP A 227 15.18 -5.65 14.48
N ILE A 228 14.14 -5.42 15.27
CA ILE A 228 13.39 -4.16 15.15
C ILE A 228 14.27 -2.88 15.24
N ASP A 229 15.12 -2.78 16.23
CA ASP A 229 15.89 -1.55 16.35
C ASP A 229 16.84 -1.30 15.18
N THR A 230 17.57 -2.35 14.74
CA THR A 230 18.48 -2.20 13.62
C THR A 230 17.76 -1.91 12.29
N VAL A 231 16.68 -2.64 12.05
CA VAL A 231 15.83 -2.34 10.87
C VAL A 231 15.25 -0.90 10.97
N HIS A 232 14.80 -0.48 12.18
CA HIS A 232 14.25 0.86 12.29
C HIS A 232 15.31 1.91 11.90
N ASP A 233 16.54 1.77 12.38
CA ASP A 233 17.58 2.72 12.02
C ASP A 233 17.93 2.75 10.51
N LEU A 234 18.06 1.57 9.91
CA LEU A 234 18.41 1.45 8.51
C LEU A 234 17.27 2.01 7.65
N LEU A 235 16.02 1.68 8.02
CA LEU A 235 14.89 2.14 7.18
C LEU A 235 14.82 3.67 7.26
N GLN A 236 15.01 4.23 8.46
CA GLN A 236 14.84 5.70 8.52
C GLN A 236 15.92 6.43 7.69
N ARG A 237 17.14 5.91 7.74
CA ARG A 237 18.30 6.43 6.99
C ARG A 237 18.02 6.34 5.49
N TYR A 238 17.49 5.19 5.10
CA TYR A 238 17.15 4.95 3.73
C TYR A 238 16.04 5.91 3.25
N LEU A 239 14.95 5.97 4.02
CA LEU A 239 13.79 6.77 3.68
C LEU A 239 14.14 8.25 3.64
N SER A 240 15.13 8.66 4.44
CA SER A 240 15.59 10.06 4.39
C SER A 240 16.06 10.56 3.04
N ARG A 241 16.40 9.64 2.14
CA ARG A 241 16.81 9.97 0.78
C ARG A 241 15.59 10.25 -0.15
N PHE A 242 14.40 10.31 0.44
CA PHE A 242 13.18 10.62 -0.33
C PHE A 242 12.47 11.94 0.10
N ALA A 243 12.04 12.71 -0.89
CA ALA A 243 11.41 14.04 -0.60
C ALA A 243 10.12 13.89 0.22
N LEU A 244 9.34 12.85 -0.09
CA LEU A 244 8.13 12.51 0.64
C LEU A 244 8.27 11.09 1.27
N ASN A 245 8.16 10.96 2.58
CA ASN A 245 8.43 9.71 3.23
C ASN A 245 7.67 9.55 4.49
N GLN A 246 7.64 8.31 4.94
CA GLN A 246 7.02 8.02 6.22
C GLN A 246 8.06 8.06 7.31
N ALA A 247 7.76 8.82 8.35
CA ALA A 247 8.68 8.99 9.47
C ALA A 247 8.49 7.93 10.56
N PHE A 248 8.93 6.70 10.27
CA PHE A 248 8.58 5.52 11.10
C PHE A 248 8.99 5.64 12.56
N THR A 249 8.10 5.21 13.44
CA THR A 249 8.43 5.01 14.84
C THR A 249 8.80 3.59 15.06
N ARG A 250 9.32 3.30 16.27
CA ARG A 250 9.66 1.92 16.58
C ARG A 250 8.41 1.02 16.59
N GLU A 251 7.34 1.51 17.20
CA GLU A 251 6.07 0.75 17.17
C GLU A 251 5.57 0.54 15.74
N GLU A 252 5.76 1.51 14.87
CA GLU A 252 5.35 1.30 13.45
C GLU A 252 6.25 0.29 12.76
N VAL A 253 7.51 0.23 13.09
CA VAL A 253 8.32 -0.90 12.63
C VAL A 253 7.80 -2.27 13.10
N ASP A 254 7.46 -2.38 14.40
CA ASP A 254 6.96 -3.61 14.88
C ASP A 254 5.61 -3.98 14.17
N HIS A 255 4.74 -2.98 14.02
CA HIS A 255 3.39 -3.31 13.55
C HIS A 255 3.37 -3.61 12.06
N TRP A 256 4.04 -2.80 11.30
CA TRP A 256 3.99 -2.95 9.85
C TRP A 256 4.95 -3.97 9.27
N LEU A 257 5.99 -4.39 10.01
CA LEU A 257 6.99 -5.29 9.44
C LEU A 257 7.11 -6.64 10.13
N VAL A 258 6.69 -6.79 11.38
CA VAL A 258 6.84 -8.12 12.02
C VAL A 258 5.53 -8.87 12.27
N HIS A 259 5.27 -9.78 11.35
CA HIS A 259 4.12 -10.63 11.44
C HIS A 259 4.06 -11.31 12.81
N LYS A 260 2.89 -11.36 13.38
CA LYS A 260 2.64 -12.00 14.68
C LYS A 260 1.79 -13.28 14.54
N PRO A 261 2.46 -14.42 14.32
CA PRO A 261 1.74 -15.66 14.01
C PRO A 261 0.87 -16.18 15.14
N GLU A 262 1.23 -15.84 16.39
CA GLU A 262 0.45 -16.30 17.55
C GLU A 262 -0.97 -15.70 17.59
N THR A 263 -1.13 -14.54 16.97
CA THR A 263 -2.33 -13.72 17.07
C THR A 263 -3.03 -13.44 15.73
N VAL A 264 -2.30 -13.70 14.63
CA VAL A 264 -2.73 -13.41 13.25
C VAL A 264 -2.70 -14.75 12.53
N LYS A 265 -3.87 -15.25 12.22
CA LYS A 265 -3.95 -16.57 11.57
C LYS A 265 -3.78 -16.51 10.05
N GLU A 266 -4.10 -15.38 9.42
CA GLU A 266 -3.87 -15.32 7.99
C GLU A 266 -2.81 -14.28 7.77
N GLN A 267 -1.57 -14.73 7.56
CA GLN A 267 -0.41 -13.82 7.39
C GLN A 267 -0.65 -12.81 6.31
N VAL A 268 -0.34 -11.54 6.63
CA VAL A 268 -0.46 -10.44 5.66
C VAL A 268 0.90 -9.76 5.29
N VAL A 269 1.85 -9.71 6.22
CA VAL A 269 3.16 -9.10 5.97
C VAL A 269 4.24 -10.16 6.06
N TRP A 270 5.14 -10.13 5.08
CA TRP A 270 6.36 -10.92 5.06
C TRP A 270 7.54 -9.94 5.13
N ALA A 271 8.55 -10.16 5.98
CA ALA A 271 9.73 -9.26 6.00
C ALA A 271 10.95 -10.18 6.16
N TYR A 272 12.02 -9.81 5.45
CA TYR A 272 13.26 -10.59 5.47
C TYR A 272 14.43 -9.66 5.64
N VAL A 273 15.43 -10.12 6.41
CA VAL A 273 16.62 -9.33 6.69
C VAL A 273 17.84 -10.06 6.16
N VAL A 274 18.90 -9.30 5.92
CA VAL A 274 20.20 -9.87 5.54
C VAL A 274 21.08 -9.64 6.73
N GLU A 275 21.34 -10.73 7.47
CA GLU A 275 22.32 -10.72 8.57
C GLU A 275 23.72 -10.93 7.98
N ASP A 276 24.61 -9.93 8.04
CA ASP A 276 25.92 -10.08 7.39
C ASP A 276 26.62 -11.32 7.92
N PRO A 277 27.08 -12.21 7.02
CA PRO A 277 27.83 -13.40 7.44
C PRO A 277 29.02 -13.16 8.39
N GLU A 278 29.74 -12.04 8.23
CA GLU A 278 30.92 -11.75 9.04
C GLU A 278 30.64 -10.89 10.28
N THR A 279 29.99 -9.74 10.11
CA THR A 279 29.71 -8.82 11.22
C THR A 279 28.43 -9.14 11.96
N HIS A 280 27.47 -9.78 11.28
CA HIS A 280 26.11 -10.10 11.83
C HIS A 280 25.23 -8.90 12.17
N LYS A 281 25.55 -7.75 11.56
CA LYS A 281 24.69 -6.57 11.64
C LYS A 281 23.76 -6.71 10.46
N ILE A 282 22.52 -6.28 10.60
CA ILE A 282 21.63 -6.35 9.45
C ILE A 282 22.00 -5.23 8.47
N THR A 283 22.36 -5.62 7.23
CA THR A 283 22.84 -4.72 6.21
C THR A 283 21.78 -4.37 5.16
N ASP A 284 20.69 -5.14 5.15
CA ASP A 284 19.64 -4.89 4.17
C ASP A 284 18.35 -5.52 4.70
N PHE A 285 17.23 -5.11 4.10
CA PHE A 285 15.99 -5.85 4.35
C PHE A 285 15.00 -5.55 3.28
N PHE A 286 13.99 -6.45 3.14
CA PHE A 286 12.84 -6.09 2.28
C PHE A 286 11.56 -6.71 2.82
N SER A 287 10.46 -6.35 2.22
CA SER A 287 9.17 -6.86 2.73
C SER A 287 8.12 -6.77 1.65
N PHE A 288 7.02 -7.50 1.83
CA PHE A 288 5.90 -7.49 0.87
C PHE A 288 4.64 -7.95 1.61
N TYR A 289 3.49 -7.49 1.09
CA TYR A 289 2.20 -7.79 1.72
C TYR A 289 1.25 -8.54 0.79
N ASN A 290 0.30 -9.23 1.41
CA ASN A 290 -0.67 -10.05 0.76
C ASN A 290 -1.99 -9.30 0.51
N LEU A 291 -2.37 -9.12 -0.75
CA LEU A 291 -3.63 -8.46 -1.14
C LEU A 291 -4.22 -9.23 -2.33
N GLU A 292 -5.22 -10.07 -2.08
CA GLU A 292 -5.84 -10.85 -3.15
C GLU A 292 -6.78 -9.96 -3.91
N SER A 293 -7.10 -10.37 -5.14
CA SER A 293 -8.23 -9.78 -5.87
C SER A 293 -9.18 -10.88 -6.18
N THR A 294 -10.45 -10.58 -6.10
CA THR A 294 -11.40 -11.58 -6.58
C THR A 294 -11.51 -11.46 -8.08
N VAL A 295 -11.54 -12.63 -8.67
CA VAL A 295 -11.77 -12.74 -10.10
C VAL A 295 -13.29 -12.89 -10.26
N ILE A 296 -13.88 -11.87 -10.89
CA ILE A 296 -15.32 -11.70 -10.93
C ILE A 296 -16.10 -12.85 -11.62
N GLN A 297 -15.70 -13.30 -12.79
CA GLN A 297 -16.50 -14.32 -13.46
C GLN A 297 -15.56 -15.19 -14.26
N ASN A 298 -15.12 -16.29 -13.64
CA ASN A 298 -14.14 -17.20 -14.23
C ASN A 298 -14.39 -18.62 -13.74
N PRO A 299 -14.75 -19.55 -14.64
CA PRO A 299 -15.01 -20.95 -14.23
C PRO A 299 -13.83 -21.60 -13.51
N LYS A 300 -12.63 -21.18 -13.86
CA LYS A 300 -11.40 -21.83 -13.39
C LYS A 300 -10.82 -21.28 -12.08
N HIS A 301 -11.01 -19.99 -11.78
CA HIS A 301 -10.41 -19.45 -10.57
C HIS A 301 -11.31 -18.37 -10.02
N ASP A 302 -11.25 -18.18 -8.71
CA ASP A 302 -12.02 -17.08 -8.11
C ASP A 302 -11.15 -15.98 -7.48
N ASN A 303 -9.83 -16.19 -7.41
CA ASN A 303 -8.90 -15.22 -6.81
C ASN A 303 -7.59 -15.09 -7.60
N VAL A 304 -6.92 -13.96 -7.48
CA VAL A 304 -5.53 -13.76 -7.86
C VAL A 304 -4.84 -13.41 -6.56
N ARG A 305 -3.76 -14.11 -6.20
CA ARG A 305 -3.03 -13.86 -4.92
C ARG A 305 -1.84 -13.02 -5.25
N ALA A 306 -1.99 -11.71 -5.12
CA ALA A 306 -0.87 -10.82 -5.35
C ALA A 306 -0.08 -10.54 -4.08
N ALA A 307 1.23 -10.48 -4.24
CA ALA A 307 2.19 -9.88 -3.25
C ALA A 307 2.58 -8.51 -3.79
N TYR A 308 2.58 -7.51 -2.91
CA TYR A 308 3.03 -6.17 -3.23
C TYR A 308 4.31 -5.81 -2.51
N LEU A 309 5.30 -5.34 -3.25
CA LEU A 309 6.53 -4.93 -2.61
C LEU A 309 6.18 -3.79 -1.61
N TYR A 310 6.72 -3.87 -0.40
CA TYR A 310 6.43 -2.87 0.64
C TYR A 310 7.70 -2.07 0.91
N TYR A 311 8.12 -2.01 2.15
CA TYR A 311 9.35 -1.29 2.40
C TYR A 311 10.62 -2.12 2.30
N TYR A 312 11.75 -1.45 2.08
CA TYR A 312 13.04 -2.12 2.07
C TYR A 312 14.15 -1.09 2.27
N ALA A 313 15.37 -1.61 2.48
CA ALA A 313 16.55 -0.75 2.68
C ALA A 313 17.82 -1.52 2.44
N THR A 314 18.90 -0.79 2.14
CA THR A 314 20.17 -1.49 2.02
C THR A 314 21.29 -0.48 2.35
N GLU A 315 22.29 -0.94 3.10
CA GLU A 315 23.49 -0.11 3.39
C GLU A 315 24.21 0.37 2.13
N THR A 316 24.06 -0.40 1.04
CA THR A 316 24.63 -0.04 -0.25
C THR A 316 24.25 1.32 -0.77
N ALA A 317 23.03 1.75 -0.42
CA ALA A 317 22.51 3.02 -0.88
C ALA A 317 23.39 4.19 -0.49
N PHE A 318 24.05 4.08 0.66
CA PHE A 318 24.73 5.23 1.30
C PHE A 318 26.07 5.64 0.66
N THR A 319 26.55 4.75 -0.20
CA THR A 319 27.70 4.99 -1.10
C THR A 319 27.38 5.98 -2.21
N ASN A 320 26.10 6.10 -2.56
CA ASN A 320 25.62 6.92 -3.70
C ASN A 320 26.26 6.43 -4.97
N ASN A 321 26.77 5.21 -4.92
CA ASN A 321 27.17 4.57 -6.16
C ASN A 321 26.01 3.80 -6.77
N MET A 322 25.42 4.37 -7.82
CA MET A 322 24.19 3.84 -8.40
C MET A 322 24.39 2.44 -9.04
N LYS A 323 25.54 2.19 -9.68
CA LYS A 323 25.79 0.83 -10.20
C LYS A 323 25.84 -0.25 -9.07
N ALA A 324 26.38 0.11 -7.92
CA ALA A 324 26.47 -0.84 -6.80
C ALA A 324 25.06 -1.01 -6.18
N LEU A 325 24.32 0.10 -6.04
CA LEU A 325 22.94 0.02 -5.55
C LEU A 325 22.10 -0.87 -6.47
N LYS A 326 22.19 -0.61 -7.77
CA LYS A 326 21.49 -1.44 -8.76
C LYS A 326 21.80 -2.94 -8.62
N GLU A 327 23.08 -3.31 -8.52
CA GLU A 327 23.43 -4.72 -8.33
C GLU A 327 22.92 -5.33 -7.03
N ARG A 328 23.00 -4.57 -5.93
CA ARG A 328 22.54 -5.13 -4.67
C ARG A 328 21.00 -5.33 -4.79
N LEU A 329 20.30 -4.35 -5.37
CA LEU A 329 18.84 -4.46 -5.51
C LEU A 329 18.41 -5.57 -6.45
N LEU A 330 19.16 -5.77 -7.55
CA LEU A 330 18.85 -6.89 -8.42
C LEU A 330 18.83 -8.23 -7.69
N MET A 331 19.81 -8.43 -6.80
CA MET A 331 19.93 -9.64 -6.03
C MET A 331 18.84 -9.77 -4.94
N LEU A 332 18.65 -8.68 -4.20
CA LEU A 332 17.71 -8.67 -3.10
C LEU A 332 16.30 -8.88 -3.65
N MET A 333 15.99 -8.17 -4.74
CA MET A 333 14.64 -8.23 -5.26
C MET A 333 14.34 -9.53 -5.99
N ASN A 334 15.35 -10.11 -6.63
CA ASN A 334 15.07 -11.41 -7.16
C ASN A 334 14.82 -12.41 -6.04
N ASP A 335 15.55 -12.32 -4.91
CA ASP A 335 15.23 -13.16 -3.74
C ASP A 335 13.77 -12.89 -3.27
N ALA A 336 13.35 -11.62 -3.29
CA ALA A 336 11.93 -11.35 -2.91
C ALA A 336 10.96 -12.10 -3.77
N LEU A 337 11.28 -12.23 -5.07
CA LEU A 337 10.41 -12.91 -6.00
C LEU A 337 10.32 -14.38 -5.67
N ILE A 338 11.48 -14.99 -5.43
CA ILE A 338 11.64 -16.43 -5.06
C ILE A 338 10.85 -16.76 -3.82
N LEU A 339 10.91 -15.85 -2.82
CA LEU A 339 10.22 -16.08 -1.56
C LEU A 339 8.72 -15.92 -1.73
N ALA A 340 8.27 -14.91 -2.50
CA ALA A 340 6.86 -14.74 -2.77
C ALA A 340 6.28 -15.96 -3.53
N LYS A 341 7.02 -16.47 -4.47
CA LYS A 341 6.54 -17.66 -5.18
C LYS A 341 6.49 -18.83 -4.25
N LYS A 342 7.51 -18.99 -3.37
CA LYS A 342 7.47 -20.12 -2.40
C LYS A 342 6.20 -20.02 -1.53
N ALA A 343 5.78 -18.80 -1.23
CA ALA A 343 4.62 -18.63 -0.39
C ALA A 343 3.36 -18.59 -1.23
N HIS A 344 3.44 -19.07 -2.47
CA HIS A 344 2.28 -19.30 -3.37
C HIS A 344 1.54 -18.10 -3.93
N PHE A 345 2.21 -16.95 -3.94
CA PHE A 345 1.68 -15.78 -4.68
C PHE A 345 1.69 -15.99 -6.17
N ASP A 346 0.72 -15.42 -6.84
CA ASP A 346 0.62 -15.60 -8.33
C ASP A 346 1.45 -14.52 -9.08
N VAL A 347 1.50 -13.28 -8.52
CA VAL A 347 2.11 -12.10 -9.18
C VAL A 347 2.79 -11.26 -8.08
N PHE A 348 3.85 -10.58 -8.43
CA PHE A 348 4.55 -9.67 -7.50
C PHE A 348 4.46 -8.26 -8.05
N ASN A 349 3.79 -7.39 -7.31
CA ASN A 349 3.47 -6.03 -7.85
C ASN A 349 4.41 -5.00 -7.17
N ALA A 350 4.80 -3.99 -7.87
CA ALA A 350 5.64 -2.93 -7.31
C ALA A 350 5.32 -1.66 -8.08
N LEU A 351 5.72 -0.50 -7.52
CA LEU A 351 5.44 0.76 -8.15
C LEU A 351 6.79 1.36 -8.50
N THR A 352 6.83 2.52 -9.14
CA THR A 352 8.11 3.05 -9.63
C THR A 352 8.72 3.96 -8.56
N LEU A 353 8.23 3.89 -7.31
CA LEU A 353 8.73 4.73 -6.19
C LEU A 353 10.04 4.13 -5.56
N HIS A 354 10.54 4.72 -4.46
CA HIS A 354 11.81 4.31 -3.84
C HIS A 354 12.91 4.27 -4.92
N ASP A 355 13.77 3.25 -4.89
CA ASP A 355 14.73 3.09 -6.04
C ASP A 355 14.29 2.04 -7.05
N ASN A 356 13.00 1.74 -7.08
CA ASN A 356 12.50 0.66 -7.91
C ASN A 356 12.80 0.72 -9.43
N PRO A 357 12.83 1.92 -10.04
CA PRO A 357 13.29 1.96 -11.44
C PRO A 357 14.62 1.29 -11.73
N LEU A 358 15.45 1.06 -10.70
CA LEU A 358 16.76 0.39 -10.89
C LEU A 358 16.65 -1.11 -11.26
N PHE A 359 15.53 -1.76 -10.94
CA PHE A 359 15.44 -3.23 -11.10
C PHE A 359 14.20 -3.73 -11.79
N LEU A 360 13.19 -2.88 -11.98
CA LEU A 360 11.87 -3.41 -12.38
C LEU A 360 11.96 -4.15 -13.74
N GLU A 361 12.54 -3.49 -14.74
CA GLU A 361 12.52 -4.06 -16.10
C GLU A 361 13.48 -5.23 -16.23
N GLN A 362 14.67 -5.10 -15.66
CA GLN A 362 15.63 -6.23 -15.68
C GLN A 362 15.17 -7.51 -14.95
N LEU A 363 14.37 -7.35 -13.89
CA LEU A 363 13.83 -8.51 -13.17
C LEU A 363 12.53 -9.01 -13.80
N LYS A 364 12.15 -8.50 -14.98
CA LYS A 364 10.99 -8.96 -15.78
C LYS A 364 9.60 -8.59 -15.19
N PHE A 365 9.56 -7.42 -14.58
CA PHE A 365 8.28 -6.81 -14.28
C PHE A 365 7.75 -6.17 -15.57
N GLY A 366 6.52 -6.51 -15.94
CA GLY A 366 5.82 -5.87 -17.05
C GLY A 366 5.12 -4.60 -16.59
N ALA A 367 5.17 -3.57 -17.42
CA ALA A 367 4.51 -2.28 -17.21
C ALA A 367 3.00 -2.44 -17.19
N GLY A 368 2.36 -1.90 -16.15
CA GLY A 368 0.93 -2.01 -16.06
C GLY A 368 0.19 -0.78 -16.53
N ASP A 369 -1.11 -0.95 -16.70
CA ASP A 369 -2.03 0.13 -17.03
C ASP A 369 -2.47 0.93 -15.83
N GLY A 370 -2.18 0.46 -14.64
CA GLY A 370 -2.59 1.22 -13.46
C GLY A 370 -1.55 2.25 -12.98
N GLN A 371 -2.07 3.35 -12.42
CA GLN A 371 -1.23 4.42 -11.90
C GLN A 371 -1.71 4.65 -10.50
N LEU A 372 -0.80 5.11 -9.63
CA LEU A 372 -1.19 5.47 -8.29
C LEU A 372 -0.79 6.91 -8.10
N HIS A 373 -1.79 7.71 -7.75
CA HIS A 373 -1.59 9.11 -7.53
C HIS A 373 -1.57 9.42 -6.05
N PHE A 374 -0.68 10.33 -5.69
CA PHE A 374 -0.48 10.72 -4.31
C PHE A 374 -1.00 12.12 -4.05
N TYR A 375 -1.67 12.33 -2.89
CA TYR A 375 -2.28 13.60 -2.58
C TYR A 375 -2.06 13.95 -1.13
N LEU A 376 -1.98 15.27 -0.89
CA LEU A 376 -1.94 15.78 0.48
C LEU A 376 -3.09 16.76 0.65
N TYR A 377 -3.72 16.70 1.82
CA TYR A 377 -4.81 17.61 2.22
C TYR A 377 -4.20 18.72 3.13
N ASN A 378 -4.45 19.98 2.75
CA ASN A 378 -4.12 21.16 3.51
C ASN A 378 -2.63 21.27 3.66
N TYR A 379 -1.91 20.85 2.64
CA TYR A 379 -0.49 21.03 2.63
C TYR A 379 -0.10 21.20 1.19
N ARG A 380 0.76 22.19 0.96
CA ARG A 380 1.22 22.53 -0.39
C ARG A 380 2.73 22.27 -0.44
N THR A 381 3.17 21.62 -1.51
CA THR A 381 4.57 21.44 -1.79
C THR A 381 4.74 21.31 -3.30
N ALA A 382 5.93 21.57 -3.80
CA ALA A 382 6.23 21.31 -5.20
C ALA A 382 5.98 19.84 -5.59
N PRO A 383 5.61 19.59 -6.86
CA PRO A 383 5.55 18.22 -7.41
C PRO A 383 6.78 17.44 -7.02
N VAL A 384 6.54 16.17 -6.66
CA VAL A 384 7.59 15.27 -6.26
C VAL A 384 7.79 14.29 -7.42
N PRO A 385 9.05 13.94 -7.78
CA PRO A 385 9.20 12.98 -8.88
C PRO A 385 8.71 11.56 -8.44
N GLY A 386 7.97 10.85 -9.31
CA GLY A 386 7.55 9.50 -8.96
C GLY A 386 8.20 8.33 -9.69
N GLY A 387 9.45 8.46 -10.13
CA GLY A 387 10.13 7.31 -10.71
C GLY A 387 9.92 7.11 -12.21
N VAL A 388 9.18 8.01 -12.84
CA VAL A 388 8.87 7.86 -14.25
C VAL A 388 9.16 9.18 -14.99
N ASN A 389 9.55 9.09 -16.27
CA ASN A 389 9.61 10.26 -17.13
C ASN A 389 8.25 10.73 -17.68
N GLU A 390 8.28 11.70 -18.61
CA GLU A 390 7.04 12.18 -19.26
C GLU A 390 6.30 11.13 -20.08
N LYS A 391 6.98 10.10 -20.59
CA LYS A 391 6.31 8.96 -21.30
C LYS A 391 5.81 7.91 -20.31
N ASN A 392 5.84 8.23 -19.03
CA ASN A 392 5.41 7.26 -17.99
C ASN A 392 6.24 5.94 -17.95
N LEU A 393 7.52 6.05 -18.21
CA LEU A 393 8.46 4.91 -18.19
C LEU A 393 9.42 5.13 -17.08
N PRO A 394 9.92 4.05 -16.51
CA PRO A 394 10.79 4.16 -15.36
C PRO A 394 12.07 4.86 -15.78
N ASP A 395 12.55 5.73 -14.90
CA ASP A 395 13.68 6.63 -15.16
C ASP A 395 14.52 6.81 -13.91
N GLU A 396 15.78 6.34 -13.96
CA GLU A 396 16.67 6.46 -12.83
C GLU A 396 16.98 7.90 -12.45
N LYS A 397 16.56 8.87 -13.26
CA LYS A 397 16.86 10.28 -12.94
C LYS A 397 15.70 11.01 -12.27
N ARG A 398 14.65 10.24 -12.00
CA ARG A 398 13.37 10.74 -11.56
C ARG A 398 13.03 10.09 -10.22
N MET A 399 14.04 9.62 -9.49
CA MET A 399 13.77 8.90 -8.25
C MET A 399 13.95 9.92 -7.11
N GLY A 400 14.22 9.48 -5.87
CA GLY A 400 14.45 10.41 -4.73
C GLY A 400 13.20 11.16 -4.31
N GLY A 401 12.02 10.78 -4.85
CA GLY A 401 10.84 11.59 -4.57
C GLY A 401 9.88 10.88 -3.59
N VAL A 402 9.26 9.83 -4.05
CA VAL A 402 8.22 9.12 -3.26
C VAL A 402 8.83 7.97 -2.48
N GLY A 403 8.66 8.03 -1.16
CA GLY A 403 9.35 7.16 -0.18
C GLY A 403 8.31 6.57 0.76
N ILE A 404 7.03 6.71 0.41
CA ILE A 404 5.97 6.13 1.21
C ILE A 404 5.13 5.19 0.39
N VAL A 405 4.76 4.06 1.02
CA VAL A 405 3.93 3.02 0.38
C VAL A 405 2.62 2.98 1.14
N MET A 406 1.55 3.34 0.46
CA MET A 406 0.22 3.27 1.08
C MET A 406 -0.50 2.01 0.59
N LEU A 407 -1.33 1.44 1.46
CA LEU A 407 -2.01 0.13 1.26
C LEU A 407 -3.31 0.10 0.44
CAQ 7L5 B . -6.47 2.89 -4.68
CAM 7L5 B . -6.55 2.45 -3.19
NAT 7L5 B . -5.30 1.83 -2.67
CAN 7L5 B . -4.99 0.58 -3.38
CAR 7L5 B . -4.81 0.95 -4.85
CBC 7L5 B . -6.05 1.65 -5.49
CAP 7L5 B . -5.63 2.14 -6.85
CAL 7L5 B . -5.52 0.93 -7.78
CAO 7L5 B . -4.91 1.24 -9.19
CAV 7L5 B . -4.57 -0.09 -9.79
CAK 7L5 B . -3.94 -1.06 -9.01
CAY 7L5 B . -3.62 -2.31 -9.53
CLI 7L5 B . -2.80 -3.45 -8.48
CAJ 7L5 B . -4.92 -0.36 -11.11
CAX 7L5 B . -4.62 -1.60 -11.65
CLH 7L5 B . -5.08 -1.83 -13.32
CBA 7L5 B . -3.98 -2.57 -10.87
SBF 7L5 B . -3.69 -4.17 -11.60
OAD 7L5 B . -2.80 -5.01 -10.74
OAE 7L5 B . -3.10 -3.91 -12.95
NBD 7L5 B . -5.31 -4.95 -11.80
CBB 7L5 B . -5.97 -5.20 -13.06
FAG 7L5 B . -5.59 -4.19 -13.91
FAF 7L5 B . -5.59 -6.45 -13.49
CAZ 7L5 B . -6.18 -5.25 -10.79
CAW 7L5 B . -7.12 -4.40 -10.22
CAB 7L5 B . -7.43 -2.91 -10.57
NBE 7L5 B . -7.73 -5.09 -9.25
CAC 7L5 B . -8.84 -4.50 -8.33
NAS 7L5 B . -7.30 -6.26 -9.15
CAU 7L5 B . -6.36 -6.46 -10.11
CAA 7L5 B . -5.63 -7.81 -10.30
S1 MYA C . -9.13 5.62 -2.92
C2 MYA C . -10.33 4.35 -3.29
C3 MYA C . -11.76 4.87 -3.17
N4 MYA C . -12.71 3.76 -3.38
C5 MYA C . -13.16 3.20 -4.52
O5 MYA C . -12.74 3.42 -5.64
C6 MYA C . -14.19 2.09 -4.33
C7 MYA C . -15.08 1.97 -5.55
N8 MYA C . -15.79 3.21 -5.68
C9 MYA C . -16.64 3.79 -4.80
O9 MYA C . -17.00 3.25 -3.75
C10 MYA C . -17.25 5.14 -5.18
O10 MYA C . -17.38 5.21 -6.66
C11 MYA C . -16.49 6.31 -4.51
C12 MYA C . -17.10 7.67 -4.91
C13 MYA C . -15.00 6.28 -4.83
C14 MYA C . -16.63 6.18 -2.99
N1A MYA C . -11.20 10.01 -3.66
O1A MYA C . -21.36 11.04 -6.27
P1A MYA C . -20.16 10.78 -5.37
C1X MYA C . -15.11 12.49 -5.79
C2A MYA C . -11.68 11.25 -3.34
O2A MYA C . -20.46 10.36 -3.95
P2A MYA C . -19.45 8.11 -6.12
C2M MYA C . -9.34 5.97 -1.25
O2M MYA C . -9.94 5.23 -0.47
C2X MYA C . -15.45 12.88 -7.24
O2X MYA C . -14.36 13.48 -7.89
N3A MYA C . -12.73 11.79 -4.03
O3A MYA C . -19.26 9.69 -6.17
C3M MYA C . -8.73 7.26 -0.75
C3X MYA C . -16.56 13.89 -7.07
O3X MYA C . -15.95 15.10 -6.64
P3X MYA C . -16.54 16.53 -7.15
C4A MYA C . -13.30 10.99 -4.97
O4A MYA C . -20.84 7.69 -5.77
C4M MYA C . -9.84 8.29 -0.52
C4X MYA C . -17.32 13.25 -5.91
O4X MYA C . -16.43 12.29 -5.28
C5A MYA C . -12.84 9.69 -5.26
O5A MYA C . -18.88 7.65 -7.44
C5M MYA C . -9.34 9.68 -0.09
C5X MYA C . -18.60 12.58 -6.40
O5X MYA C . -19.23 12.02 -5.23
C6A MYA C . -11.77 9.17 -4.59
N6A MYA C . -11.24 7.93 -4.87
O6A MYA C . -18.56 7.61 -4.88
C6M MYA C . -10.55 10.65 0.13
N7A MYA C . -13.61 9.19 -6.28
O7A MYA C . -17.42 16.29 -8.47
C7M MYA C . -10.08 12.07 0.42
C8A MYA C . -14.54 10.12 -6.58
O8A MYA C . -17.43 17.18 -5.97
C8M MYA C . -9.59 12.29 1.83
N9A MYA C . -14.35 11.21 -5.79
O9A MYA C . -15.33 17.55 -7.47
C9M MYA C . -9.39 13.80 2.05
CAM MYA C . -8.71 14.08 3.39
CBM MYA C . -9.80 13.91 4.46
CCM MYA C . -9.27 14.01 5.95
CDM MYA C . -8.50 15.30 6.30
CEM MYA C . -8.03 15.34 7.78
CFM MYA C . -7.39 16.66 8.14
#